data_5KBH
#
_entry.id   5KBH
#
_cell.length_a   45.609
_cell.length_b   93.373
_cell.length_c   120.309
_cell.angle_alpha   90.00
_cell.angle_beta   90.00
_cell.angle_gamma   90.00
#
_symmetry.space_group_name_H-M   'P 21 21 21'
#
loop_
_entity.id
_entity.type
_entity.pdbx_description
1 polymer MopR
2 non-polymer 'ZINC ION'
3 non-polymer 3-CHLOROPHENOL
4 water water
#
_entity_poly.entity_id   1
_entity_poly.type   'polypeptide(L)'
_entity_poly.pdbx_seq_one_letter_code
;MSPAKDVKVYKKILEQNKDIQDLLDKIVFDAQHGQIWFDENRMLLMHTSILGFLRKDLYQMLGLERTKRFFIRCGYQAGM
RDAEVTSKLRPNLNEAEAFMAGPQMHGIRGMVQVEVNELHLSHDLKQFYADFNWLNSFEAEVHLSEFGASDQPACWMLLG
YACGYSSFVMGQTIIYQETHCVAQGDEHCRIIGKPLSEWENADELIRFMSPDAVSDEIIALQAELNQLK
;
_entity_poly.pdbx_strand_id   A,B
#
# COMPACT_ATOMS: atom_id res chain seq x y z
N GLU A 15 25.95 -4.81 8.20
CA GLU A 15 26.52 -5.37 9.47
C GLU A 15 25.43 -5.85 10.46
N GLN A 16 24.46 -4.96 10.73
CA GLN A 16 23.51 -5.09 11.86
C GLN A 16 22.16 -5.76 11.52
N ASN A 17 22.18 -6.75 10.62
CA ASN A 17 20.99 -7.47 10.13
C ASN A 17 21.10 -9.00 10.28
N LYS A 18 21.93 -9.50 11.19
CA LYS A 18 22.16 -10.96 11.30
C LYS A 18 20.84 -11.71 11.36
N ASP A 19 19.95 -11.25 12.25
CA ASP A 19 18.68 -11.92 12.56
C ASP A 19 17.52 -11.75 11.55
N ILE A 20 17.66 -10.82 10.60
CA ILE A 20 16.65 -10.58 9.54
C ILE A 20 17.11 -10.89 8.11
N GLN A 21 18.41 -11.14 7.92
CA GLN A 21 19.00 -11.27 6.60
C GLN A 21 18.26 -12.27 5.71
N ASP A 22 17.85 -13.40 6.28
CA ASP A 22 17.08 -14.43 5.53
C ASP A 22 15.73 -13.91 4.94
N LEU A 23 15.13 -12.95 5.65
CA LEU A 23 13.94 -12.26 5.17
C LEU A 23 14.31 -11.30 4.02
N LEU A 24 15.33 -10.47 4.23
CA LEU A 24 15.90 -9.56 3.22
C LEU A 24 16.30 -10.25 1.92
N ASP A 25 16.94 -11.42 2.03
CA ASP A 25 17.32 -12.22 0.83
C ASP A 25 16.13 -12.65 -0.04
N LYS A 26 14.93 -12.68 0.54
CA LYS A 26 13.70 -12.93 -0.22
C LYS A 26 13.09 -11.68 -0.87
N ILE A 27 13.54 -10.48 -0.52
CA ILE A 27 12.96 -9.24 -1.00
C ILE A 27 13.77 -8.75 -2.18
N VAL A 28 13.15 -8.71 -3.37
CA VAL A 28 13.86 -8.35 -4.63
C VAL A 28 13.22 -7.15 -5.34
N PHE A 29 13.98 -6.04 -5.41
CA PHE A 29 13.59 -4.85 -6.13
C PHE A 29 14.02 -4.96 -7.59
N ASP A 30 13.08 -4.76 -8.50
CA ASP A 30 13.35 -4.74 -9.93
C ASP A 30 12.71 -3.46 -10.51
N ALA A 31 13.33 -2.33 -10.18
CA ALA A 31 12.85 -1.03 -10.66
C ALA A 31 12.62 -1.00 -12.17
N GLN A 32 13.55 -1.54 -12.94
CA GLN A 32 13.47 -1.47 -14.40
C GLN A 32 12.25 -2.22 -14.98
N HIS A 33 11.79 -3.28 -14.32
CA HIS A 33 10.58 -3.93 -14.79
C HIS A 33 9.36 -3.67 -13.91
N GLY A 34 9.41 -2.64 -13.09
CA GLY A 34 8.29 -2.26 -12.24
C GLY A 34 7.74 -3.36 -11.34
N GLN A 35 8.64 -4.09 -10.67
CA GLN A 35 8.23 -5.18 -9.78
C GLN A 35 9.03 -5.16 -8.50
N ILE A 36 8.33 -5.33 -7.37
CA ILE A 36 8.97 -5.71 -6.09
C ILE A 36 8.38 -7.06 -5.65
N TRP A 37 9.22 -7.93 -5.10
CA TRP A 37 8.85 -9.34 -4.85
C TRP A 37 9.28 -9.74 -3.45
N PHE A 38 8.40 -10.42 -2.72
CA PHE A 38 8.75 -11.10 -1.46
C PHE A 38 8.36 -12.53 -1.74
N ASP A 39 9.36 -13.39 -1.94
CA ASP A 39 9.11 -14.75 -2.45
C ASP A 39 8.38 -14.61 -3.82
N GLU A 40 7.29 -15.34 -4.08
CA GLU A 40 6.51 -15.18 -5.32
C GLU A 40 5.26 -14.30 -5.06
N ASN A 41 5.45 -13.19 -4.34
CA ASN A 41 4.38 -12.23 -3.99
C ASN A 41 4.80 -10.80 -4.27
N ARG A 42 4.06 -10.14 -5.14
CA ARG A 42 4.32 -8.74 -5.42
C ARG A 42 3.99 -7.80 -4.27
N MET A 43 4.88 -6.81 -4.08
CA MET A 43 4.71 -5.74 -3.13
C MET A 43 4.71 -4.39 -3.85
N LEU A 44 4.20 -3.37 -3.17
CA LEU A 44 4.12 -2.02 -3.68
C LEU A 44 4.70 -1.07 -2.66
N LEU A 45 5.52 -0.14 -3.11
CA LEU A 45 5.99 0.89 -2.21
C LEU A 45 4.97 2.03 -2.22
N MET A 46 4.36 2.32 -1.08
CA MET A 46 3.34 3.37 -1.02
C MET A 46 3.55 4.41 0.07
N HIS A 47 2.99 5.59 -0.14
CA HIS A 47 3.06 6.69 0.81
C HIS A 47 2.08 6.41 1.94
N THR A 48 2.56 6.52 3.18
CA THR A 48 1.68 6.43 4.34
C THR A 48 0.55 7.45 4.29
N SER A 49 0.80 8.63 3.74
CA SER A 49 -0.26 9.62 3.65
C SER A 49 -1.42 9.19 2.72
N ILE A 50 -1.15 8.32 1.73
CA ILE A 50 -2.19 7.81 0.82
C ILE A 50 -3.05 6.79 1.54
N LEU A 51 -2.44 6.08 2.50
CA LEU A 51 -3.22 5.24 3.36
C LEU A 51 -4.19 6.03 4.22
N GLY A 52 -3.77 7.17 4.76
CA GLY A 52 -4.65 8.03 5.56
C GLY A 52 -5.80 8.60 4.76
N PHE A 53 -5.49 9.01 3.54
CA PHE A 53 -6.50 9.41 2.55
C PHE A 53 -7.51 8.27 2.36
N LEU A 54 -7.03 7.05 2.19
CA LEU A 54 -7.88 5.89 2.00
C LEU A 54 -8.75 5.58 3.19
N ARG A 55 -8.16 5.71 4.37
CA ARG A 55 -8.87 5.51 5.61
C ARG A 55 -10.04 6.49 5.73
N LYS A 56 -9.78 7.76 5.43
CA LYS A 56 -10.78 8.83 5.50
C LYS A 56 -11.87 8.67 4.45
N ASP A 57 -11.48 8.38 3.21
CA ASP A 57 -12.47 8.20 2.17
C ASP A 57 -13.34 6.99 2.44
N LEU A 58 -12.77 5.94 3.02
CA LEU A 58 -13.56 4.78 3.42
C LEU A 58 -14.45 5.14 4.60
N TYR A 59 -13.93 5.94 5.53
CA TYR A 59 -14.73 6.37 6.65
C TYR A 59 -15.93 7.09 6.09
N GLN A 60 -15.71 7.97 5.11
CA GLN A 60 -16.83 8.72 4.52
C GLN A 60 -17.84 7.87 3.80
N MET A 61 -17.41 6.93 2.96
CA MET A 61 -18.37 6.05 2.27
C MET A 61 -19.11 5.02 3.15
N LEU A 62 -18.40 4.34 4.05
CA LEU A 62 -19.00 3.33 4.94
C LEU A 62 -18.90 3.83 6.37
N GLY A 63 -19.35 3.05 7.32
CA GLY A 63 -19.10 3.49 8.70
C GLY A 63 -17.64 3.51 9.19
N LEU A 64 -17.47 4.05 10.39
CA LEU A 64 -16.31 3.75 11.23
C LEU A 64 -16.17 2.24 11.35
N GLU A 65 -17.24 1.51 11.65
CA GLU A 65 -17.17 0.05 11.77
C GLU A 65 -16.70 -0.72 10.51
N ARG A 66 -17.31 -0.47 9.35
CA ARG A 66 -16.89 -1.12 8.10
C ARG A 66 -15.44 -0.86 7.73
N THR A 67 -14.99 0.38 7.95
CA THR A 67 -13.65 0.78 7.63
C THR A 67 -12.68 0.06 8.53
N LYS A 68 -12.92 0.19 9.83
CA LYS A 68 -12.22 -0.58 10.87
C LYS A 68 -12.05 -2.03 10.47
N ARG A 69 -13.17 -2.61 10.06
CA ARG A 69 -13.26 -4.01 9.69
C ARG A 69 -12.56 -4.26 8.36
N PHE A 70 -12.58 -3.29 7.46
CA PHE A 70 -11.79 -3.44 6.26
C PHE A 70 -10.31 -3.61 6.59
N PHE A 71 -9.77 -2.68 7.38
CA PHE A 71 -8.36 -2.66 7.73
C PHE A 71 -7.86 -3.81 8.57
N ILE A 72 -8.67 -4.28 9.51
CA ILE A 72 -8.36 -5.51 10.22
C ILE A 72 -8.31 -6.76 9.30
N ARG A 73 -9.32 -6.96 8.45
CA ARG A 73 -9.35 -8.14 7.57
C ARG A 73 -8.19 -8.14 6.59
N CYS A 74 -7.81 -6.95 6.09
CA CYS A 74 -6.63 -6.75 5.24
C CYS A 74 -5.37 -7.12 5.96
N GLY A 75 -5.21 -6.59 7.16
CA GLY A 75 -4.10 -6.92 8.03
C GLY A 75 -4.02 -8.41 8.20
N TYR A 76 -5.15 -9.00 8.60
CA TYR A 76 -5.24 -10.43 8.81
C TYR A 76 -4.76 -11.25 7.61
N GLN A 77 -5.15 -10.88 6.38
CA GLN A 77 -4.63 -11.60 5.18
C GLN A 77 -3.12 -11.40 4.99
N ALA A 78 -2.65 -10.15 5.03
CA ALA A 78 -1.24 -9.87 4.92
C ALA A 78 -0.40 -10.70 5.92
N GLY A 79 -0.91 -10.89 7.14
CA GLY A 79 -0.14 -11.56 8.22
C GLY A 79 -0.07 -13.03 8.00
N MET A 80 -1.21 -13.58 7.63
CA MET A 80 -1.32 -14.97 7.22
C MET A 80 -0.44 -15.27 6.01
N ARG A 81 -0.42 -14.37 5.03
CA ARG A 81 0.38 -14.58 3.85
C ARG A 81 1.86 -14.59 4.19
N ASP A 82 2.32 -13.56 4.89
CA ASP A 82 3.69 -13.51 5.38
C ASP A 82 4.09 -14.75 6.21
N ALA A 83 3.17 -15.30 6.99
CA ALA A 83 3.47 -16.48 7.80
C ALA A 83 3.68 -17.73 6.93
N GLU A 84 2.80 -17.92 5.95
CA GLU A 84 2.95 -18.90 4.85
C GLU A 84 4.35 -18.90 4.30
N VAL A 85 4.83 -17.70 3.99
CA VAL A 85 6.16 -17.51 3.42
C VAL A 85 7.22 -17.82 4.47
N THR A 86 7.20 -17.10 5.58
CA THR A 86 8.27 -17.20 6.58
C THR A 86 8.38 -18.56 7.33
N SER A 87 7.35 -19.38 7.26
CA SER A 87 7.37 -20.70 7.90
C SER A 87 7.87 -21.84 6.99
N LYS A 88 7.66 -21.73 5.67
CA LYS A 88 8.22 -22.69 4.70
C LYS A 88 9.74 -22.78 4.88
N LEU A 89 10.35 -21.64 5.17
CA LEU A 89 11.76 -21.54 5.51
C LEU A 89 11.92 -21.30 7.01
N ARG A 90 13.18 -21.29 7.47
CA ARG A 90 13.54 -21.17 8.89
C ARG A 90 13.08 -22.32 9.85
N PRO A 91 12.96 -23.61 9.36
CA PRO A 91 12.55 -24.64 10.35
C PRO A 91 13.70 -25.33 11.12
N ASN A 92 14.95 -24.94 10.87
CA ASN A 92 16.07 -25.34 11.77
C ASN A 92 16.07 -24.65 13.16
N LEU A 93 15.24 -23.62 13.34
CA LEU A 93 15.18 -22.80 14.58
C LEU A 93 14.10 -23.30 15.54
N ASN A 94 14.15 -22.79 16.76
CA ASN A 94 13.07 -23.04 17.73
C ASN A 94 11.89 -22.04 17.55
N GLU A 95 10.72 -22.44 18.05
CA GLU A 95 9.47 -21.70 17.83
C GLU A 95 9.55 -20.20 18.00
N ALA A 96 10.21 -19.70 19.04
CA ALA A 96 10.27 -18.25 19.30
C ALA A 96 11.06 -17.50 18.25
N GLU A 97 12.23 -18.01 17.89
CA GLU A 97 13.06 -17.41 16.81
C GLU A 97 12.36 -17.47 15.44
N ALA A 98 11.69 -18.58 15.14
CA ALA A 98 10.84 -18.67 13.97
C ALA A 98 9.75 -17.61 14.04
N PHE A 99 8.96 -17.65 15.10
CA PHE A 99 7.88 -16.69 15.30
C PHE A 99 8.27 -15.24 15.03
N MET A 100 9.46 -14.88 15.45
CA MET A 100 9.91 -13.50 15.36
C MET A 100 9.95 -12.89 13.96
N ALA A 101 9.85 -13.71 12.93
CA ALA A 101 9.72 -13.20 11.56
C ALA A 101 8.59 -12.18 11.42
N GLY A 102 7.45 -12.44 12.03
CA GLY A 102 6.32 -11.53 11.92
C GLY A 102 6.55 -10.08 12.41
N PRO A 103 7.08 -9.90 13.65
CA PRO A 103 7.56 -8.58 14.12
C PRO A 103 8.68 -7.99 13.27
N GLN A 104 9.51 -8.86 12.71
CA GLN A 104 10.59 -8.46 11.83
C GLN A 104 10.06 -7.97 10.47
N MET A 105 9.11 -8.72 9.91
CA MET A 105 8.43 -8.28 8.69
C MET A 105 7.66 -6.96 8.84
N HIS A 106 7.04 -6.75 9.98
CA HIS A 106 6.41 -5.48 10.24
C HIS A 106 7.37 -4.32 10.19
N GLY A 107 8.56 -4.53 10.77
CA GLY A 107 9.61 -3.52 10.72
C GLY A 107 10.23 -3.36 9.34
N ILE A 108 10.51 -4.48 8.69
CA ILE A 108 11.03 -4.47 7.32
C ILE A 108 10.07 -3.80 6.34
N ARG A 109 8.78 -3.97 6.51
CA ARG A 109 7.81 -3.29 5.65
C ARG A 109 7.58 -1.80 5.96
N GLY A 110 8.16 -1.27 7.02
CA GLY A 110 8.00 0.16 7.34
C GLY A 110 6.77 0.52 8.17
N MET A 111 6.16 -0.46 8.83
CA MET A 111 4.89 -0.22 9.47
C MET A 111 5.00 0.08 10.96
N VAL A 112 5.78 -0.73 11.65
CA VAL A 112 5.94 -0.57 13.09
C VAL A 112 7.18 -1.29 13.54
N GLN A 113 7.81 -0.73 14.57
CA GLN A 113 8.89 -1.39 15.30
C GLN A 113 8.34 -2.17 16.51
N VAL A 114 8.61 -3.47 16.53
CA VAL A 114 8.20 -4.29 17.66
C VAL A 114 9.31 -4.42 18.72
N GLU A 115 8.92 -4.19 19.97
CA GLU A 115 9.75 -4.40 21.16
C GLU A 115 9.04 -5.47 22.02
N VAL A 116 9.71 -6.58 22.31
CA VAL A 116 9.11 -7.67 23.05
C VAL A 116 9.24 -7.43 24.57
N ASN A 117 8.14 -7.26 25.28
CA ASN A 117 8.16 -7.33 26.75
C ASN A 117 8.08 -8.81 27.20
N GLU A 118 7.19 -9.60 26.61
CA GLU A 118 7.00 -10.98 27.02
C GLU A 118 6.53 -11.85 25.86
N LEU A 119 7.08 -13.04 25.74
CA LEU A 119 6.59 -14.01 24.77
C LEU A 119 6.77 -15.45 25.24
N HIS A 120 5.65 -16.14 25.42
CA HIS A 120 5.59 -17.55 25.76
C HIS A 120 4.72 -18.19 24.73
N LEU A 121 5.16 -19.34 24.19
CA LEU A 121 4.38 -20.04 23.21
C LEU A 121 4.78 -21.52 23.09
N SER A 122 3.80 -22.34 22.73
CA SER A 122 4.08 -23.74 22.39
C SER A 122 2.98 -24.25 21.48
N HIS A 123 3.32 -24.57 20.23
CA HIS A 123 2.34 -25.10 19.26
C HIS A 123 1.58 -26.23 19.90
N ASP A 124 2.31 -27.22 20.41
CA ASP A 124 1.71 -28.44 20.93
C ASP A 124 0.93 -28.29 22.23
N LEU A 125 1.27 -27.32 23.06
CA LEU A 125 0.48 -27.09 24.29
C LEU A 125 -0.72 -26.22 24.00
N LYS A 126 -0.75 -25.62 22.80
CA LYS A 126 -1.75 -24.66 22.40
C LYS A 126 -1.75 -23.50 23.36
N GLN A 127 -0.55 -23.05 23.73
CA GLN A 127 -0.37 -21.93 24.63
C GLN A 127 0.32 -20.81 23.89
N PHE A 128 -0.13 -19.58 24.14
CA PHE A 128 0.42 -18.38 23.58
C PHE A 128 0.10 -17.17 24.46
N TYR A 129 1.07 -16.30 24.62
CA TYR A 129 0.87 -15.05 25.32
C TYR A 129 1.96 -14.10 24.84
N ALA A 130 1.55 -12.97 24.29
CA ALA A 130 2.48 -11.97 23.79
C ALA A 130 2.17 -10.63 24.41
N ASP A 131 3.22 -9.91 24.77
CA ASP A 131 3.08 -8.56 25.27
C ASP A 131 4.19 -7.76 24.60
N PHE A 132 3.82 -7.03 23.55
CA PHE A 132 4.77 -6.28 22.73
C PHE A 132 4.46 -4.80 22.79
N ASN A 133 5.48 -3.97 22.60
CA ASN A 133 5.29 -2.57 22.36
C ASN A 133 5.47 -2.33 20.88
N TRP A 134 4.79 -1.30 20.41
CA TRP A 134 4.79 -0.91 19.03
C TRP A 134 5.31 0.52 19.04
N LEU A 135 6.46 0.74 18.41
CA LEU A 135 7.03 2.08 18.30
C LEU A 135 6.93 2.61 16.86
N ASN A 136 6.80 3.93 16.74
CA ASN A 136 6.59 4.61 15.46
C ASN A 136 5.61 3.89 14.55
N SER A 137 4.46 3.49 15.06
CA SER A 137 3.38 2.97 14.25
C SER A 137 3.00 4.01 13.19
N PHE A 138 3.00 3.61 11.93
CA PHE A 138 2.61 4.52 10.86
C PHE A 138 1.11 4.83 10.96
N GLU A 139 0.37 3.83 11.42
CA GLU A 139 -1.07 3.85 11.38
C GLU A 139 -1.62 4.91 12.34
N ALA A 140 -1.02 4.99 13.53
CA ALA A 140 -1.35 6.00 14.50
C ALA A 140 -1.07 7.39 13.95
N GLU A 141 0.08 7.55 13.31
CA GLU A 141 0.50 8.82 12.71
C GLU A 141 -0.58 9.35 11.77
N VAL A 142 -1.02 8.49 10.86
CA VAL A 142 -1.97 8.92 9.84
C VAL A 142 -3.39 9.08 10.39
N HIS A 143 -3.74 8.37 11.47
CA HIS A 143 -5.03 8.60 12.12
C HIS A 143 -5.12 9.96 12.77
N LEU A 144 -4.07 10.37 13.46
CA LEU A 144 -3.99 11.72 14.06
C LEU A 144 -4.08 12.76 12.99
N SER A 145 -3.42 12.47 11.87
CA SER A 145 -3.39 13.37 10.73
C SER A 145 -4.76 13.63 10.08
N GLU A 146 -5.63 12.63 10.09
CA GLU A 146 -6.94 12.71 9.45
C GLU A 146 -8.09 12.92 10.44
N PHE A 147 -7.97 12.36 11.64
CA PHE A 147 -9.04 12.42 12.63
C PHE A 147 -8.70 13.18 13.88
N GLY A 148 -7.43 13.54 14.06
CA GLY A 148 -6.98 14.05 15.36
C GLY A 148 -7.01 13.00 16.45
N ALA A 149 -6.99 13.44 17.70
CA ALA A 149 -6.87 12.54 18.84
C ALA A 149 -8.08 11.62 18.88
N SER A 150 -7.85 10.36 19.19
CA SER A 150 -8.88 9.32 19.16
C SER A 150 -9.31 8.89 20.58
N ASP A 151 -10.57 8.50 20.65
CA ASP A 151 -11.18 7.92 21.82
C ASP A 151 -10.84 6.45 22.00
N GLN A 152 -10.34 5.82 20.93
CA GLN A 152 -10.09 4.38 20.87
C GLN A 152 -8.76 4.10 20.15
N PRO A 153 -8.18 2.89 20.33
CA PRO A 153 -6.95 2.56 19.62
C PRO A 153 -7.16 2.58 18.11
N ALA A 154 -6.11 2.98 17.39
CA ALA A 154 -6.20 3.33 15.97
C ALA A 154 -5.47 2.40 15.01
N CYS A 155 -4.65 1.48 15.54
CA CYS A 155 -3.78 0.64 14.70
C CYS A 155 -4.44 -0.68 14.22
N TRP A 156 -5.48 -0.49 13.42
CA TRP A 156 -6.36 -1.56 12.99
C TRP A 156 -5.70 -2.60 12.06
N MET A 157 -5.07 -2.10 11.00
CA MET A 157 -4.35 -2.95 10.05
C MET A 157 -3.20 -3.72 10.72
N LEU A 158 -2.41 -3.02 11.54
CA LEU A 158 -1.30 -3.66 12.30
C LEU A 158 -1.82 -4.77 13.19
N LEU A 159 -2.97 -4.54 13.83
CA LEU A 159 -3.55 -5.52 14.76
C LEU A 159 -4.08 -6.77 14.08
N GLY A 160 -4.76 -6.64 12.92
CA GLY A 160 -5.18 -7.81 12.11
C GLY A 160 -4.01 -8.65 11.59
N TYR A 161 -2.93 -7.98 11.19
CA TYR A 161 -1.70 -8.64 10.82
C TYR A 161 -1.15 -9.46 11.97
N ALA A 162 -1.09 -8.87 13.15
CA ALA A 162 -0.65 -9.62 14.35
C ALA A 162 -1.47 -10.90 14.58
N CYS A 163 -2.80 -10.78 14.59
CA CYS A 163 -3.72 -11.96 14.70
C CYS A 163 -3.56 -13.00 13.58
N GLY A 164 -3.46 -12.54 12.34
CA GLY A 164 -3.29 -13.41 11.19
C GLY A 164 -1.96 -14.15 11.21
N TYR A 165 -0.86 -13.40 11.37
CA TYR A 165 0.45 -14.03 11.45
C TYR A 165 0.43 -15.06 12.57
N SER A 166 0.08 -14.62 13.76
CA SER A 166 0.12 -15.46 14.95
C SER A 166 -0.80 -16.66 14.92
N SER A 167 -2.01 -16.50 14.37
CA SER A 167 -2.95 -17.64 14.23
C SER A 167 -2.46 -18.70 13.29
N PHE A 168 -1.86 -18.31 12.17
CA PHE A 168 -1.28 -19.29 11.23
C PHE A 168 -0.13 -20.11 11.86
N VAL A 169 0.76 -19.41 12.54
CA VAL A 169 1.91 -20.02 13.17
C VAL A 169 1.50 -20.96 14.28
N MET A 170 0.61 -20.50 15.15
CA MET A 170 -0.01 -21.42 16.10
C MET A 170 -1.05 -22.14 15.31
N GLY A 171 -1.69 -23.15 15.85
CA GLY A 171 -2.71 -23.81 15.00
C GLY A 171 -4.11 -23.30 15.20
N GLN A 172 -4.26 -22.05 15.63
CA GLN A 172 -5.49 -21.62 16.30
C GLN A 172 -5.68 -20.10 16.31
N THR A 173 -6.86 -19.63 16.73
CA THR A 173 -7.17 -18.22 16.68
C THR A 173 -6.50 -17.55 17.85
N ILE A 174 -5.49 -16.75 17.55
CA ILE A 174 -4.87 -15.90 18.53
C ILE A 174 -5.43 -14.51 18.30
N ILE A 175 -5.96 -13.90 19.35
CA ILE A 175 -6.52 -12.55 19.30
C ILE A 175 -5.66 -11.58 20.11
N TYR A 176 -5.35 -10.43 19.52
CA TYR A 176 -4.63 -9.34 20.19
C TYR A 176 -5.53 -8.16 20.55
N GLN A 177 -5.12 -7.42 21.57
CA GLN A 177 -5.75 -6.19 21.95
C GLN A 177 -4.73 -5.08 22.04
N GLU A 178 -5.08 -3.89 21.53
CA GLU A 178 -4.21 -2.72 21.62
C GLU A 178 -4.58 -1.93 22.85
N THR A 179 -3.73 -2.04 23.87
CA THR A 179 -4.01 -1.62 25.24
C THR A 179 -3.71 -0.15 25.44
N HIS A 180 -2.77 0.37 24.66
CA HIS A 180 -2.34 1.75 24.70
C HIS A 180 -2.04 2.07 23.29
N CYS A 181 -2.37 3.29 22.87
CA CYS A 181 -2.16 3.70 21.50
C CYS A 181 -1.71 5.16 21.41
N VAL A 182 -0.67 5.40 20.62
CA VAL A 182 -0.24 6.75 20.35
C VAL A 182 -1.38 7.69 19.93
N ALA A 183 -2.39 7.22 19.19
CA ALA A 183 -3.49 8.07 18.77
C ALA A 183 -4.38 8.53 19.90
N GLN A 184 -4.46 7.73 20.96
CA GLN A 184 -5.16 8.12 22.21
C GLN A 184 -4.33 9.03 23.12
N GLY A 185 -3.08 9.33 22.73
CA GLY A 185 -2.19 10.16 23.51
C GLY A 185 -1.24 9.36 24.38
N ASP A 186 -1.23 8.03 24.26
CA ASP A 186 -0.26 7.26 25.03
C ASP A 186 1.12 7.51 24.42
N GLU A 187 2.17 7.18 25.17
CA GLU A 187 3.54 7.52 24.79
C GLU A 187 4.08 6.56 23.72
N HIS A 188 3.69 5.30 23.80
CA HIS A 188 3.89 4.30 22.72
C HIS A 188 2.60 3.48 22.60
N CYS A 189 2.50 2.65 21.56
CA CYS A 189 1.38 1.69 21.43
C CYS A 189 1.76 0.34 22.11
N ARG A 190 0.77 -0.41 22.61
CA ARG A 190 1.05 -1.70 23.24
C ARG A 190 -0.01 -2.74 22.94
N ILE A 191 0.43 -3.96 22.64
CA ILE A 191 -0.48 -5.04 22.37
C ILE A 191 -0.33 -6.24 23.30
N ILE A 192 -1.42 -6.96 23.48
CA ILE A 192 -1.42 -8.20 24.21
C ILE A 192 -2.14 -9.25 23.39
N GLY A 193 -1.50 -10.40 23.16
CA GLY A 193 -2.07 -11.50 22.40
C GLY A 193 -2.21 -12.80 23.18
N LYS A 194 -3.40 -13.38 23.17
CA LYS A 194 -3.71 -14.69 23.78
C LYS A 194 -4.65 -15.46 22.84
N PRO A 195 -4.82 -16.78 23.07
CA PRO A 195 -5.87 -17.45 22.33
C PRO A 195 -7.25 -16.92 22.70
N LEU A 196 -8.11 -16.92 21.68
CA LEU A 196 -9.51 -16.47 21.79
C LEU A 196 -10.15 -16.74 23.19
N SER A 197 -10.33 -18.00 23.56
CA SER A 197 -10.91 -18.39 24.86
C SER A 197 -10.16 -17.95 26.14
N GLU A 198 -8.90 -17.58 26.03
CA GLU A 198 -8.18 -16.99 27.17
C GLU A 198 -8.69 -15.57 27.44
N TRP A 199 -9.45 -14.99 26.51
CA TRP A 199 -10.00 -13.65 26.68
C TRP A 199 -11.38 -13.67 27.38
N GLU A 200 -11.37 -13.46 28.70
CA GLU A 200 -12.59 -13.52 29.54
C GLU A 200 -13.16 -12.10 29.84
N ASN A 201 -14.37 -11.74 29.41
CA ASN A 201 -15.31 -12.58 28.63
C ASN A 201 -15.30 -12.15 27.17
N ASP A 212 -13.16 -16.90 7.88
CA ASP A 212 -14.06 -16.35 8.89
C ASP A 212 -13.69 -14.95 9.39
N ALA A 213 -14.71 -14.25 9.92
CA ALA A 213 -14.54 -12.99 10.60
C ALA A 213 -14.17 -13.26 12.05
N VAL A 214 -12.86 -13.18 12.32
CA VAL A 214 -12.32 -12.96 13.67
C VAL A 214 -12.20 -11.45 13.92
N SER A 215 -12.41 -10.66 12.86
CA SER A 215 -12.52 -9.20 12.95
C SER A 215 -13.68 -8.72 13.85
N ASP A 216 -14.81 -9.46 13.84
CA ASP A 216 -15.90 -9.17 14.76
C ASP A 216 -15.51 -9.41 16.23
N GLU A 217 -14.77 -10.50 16.51
CA GLU A 217 -14.26 -10.75 17.86
C GLU A 217 -13.24 -9.70 18.35
N ILE A 218 -12.29 -9.30 17.51
CA ILE A 218 -11.39 -8.17 17.83
C ILE A 218 -12.17 -6.87 18.12
N ILE A 219 -13.12 -6.52 17.26
CA ILE A 219 -13.95 -5.33 17.46
C ILE A 219 -14.79 -5.47 18.72
N ALA A 220 -15.50 -6.60 18.85
CA ALA A 220 -16.35 -6.89 20.05
C ALA A 220 -15.55 -6.87 21.35
N LEU A 221 -14.32 -7.35 21.27
CA LEU A 221 -13.45 -7.44 22.44
C LEU A 221 -13.10 -6.08 22.99
N GLN A 222 -12.64 -5.19 22.12
CA GLN A 222 -12.25 -3.83 22.50
C GLN A 222 -13.38 -3.02 23.20
N ALA A 223 -14.65 -3.32 22.89
CA ALA A 223 -15.79 -2.74 23.62
C ALA A 223 -15.95 -3.34 25.05
N GLU A 224 -15.86 -4.67 25.20
CA GLU A 224 -15.99 -5.34 26.52
C GLU A 224 -14.90 -4.92 27.54
N LEU A 225 -13.68 -4.64 27.04
CA LEU A 225 -12.62 -4.02 27.86
C LEU A 225 -12.81 -2.49 27.95
N ASN A 226 -13.32 -2.05 29.11
CA ASN A 226 -13.71 -0.65 29.40
C ASN A 226 -14.83 -0.13 28.50
N GLN B 16 24.60 2.94 -12.85
CA GLN B 16 25.13 1.54 -12.93
C GLN B 16 24.04 0.50 -12.64
N ASN B 17 22.93 0.46 -13.39
CA ASN B 17 22.68 1.19 -14.65
C ASN B 17 21.42 2.09 -14.50
N LYS B 18 21.60 3.39 -14.26
CA LYS B 18 20.49 4.24 -13.77
C LYS B 18 20.45 5.68 -14.32
N ASP B 19 19.29 6.03 -14.89
CA ASP B 19 18.82 7.42 -14.96
C ASP B 19 17.69 7.64 -13.90
N ILE B 20 17.63 6.73 -12.94
CA ILE B 20 16.70 6.79 -11.80
C ILE B 20 17.46 6.91 -10.45
N GLN B 21 18.78 7.13 -10.49
CA GLN B 21 19.60 7.17 -9.27
C GLN B 21 19.26 8.36 -8.40
N ASP B 22 18.95 9.50 -9.00
CA ASP B 22 18.57 10.67 -8.19
C ASP B 22 17.29 10.40 -7.38
N LEU B 23 16.43 9.50 -7.88
CA LEU B 23 15.25 9.06 -7.16
C LEU B 23 15.57 8.01 -6.07
N LEU B 24 16.34 6.96 -6.45
CA LEU B 24 16.74 5.87 -5.54
C LEU B 24 17.53 6.35 -4.35
N ASP B 25 18.31 7.42 -4.55
CA ASP B 25 19.11 8.01 -3.47
C ASP B 25 18.27 8.43 -2.31
N LYS B 26 17.06 8.90 -2.60
CA LYS B 26 16.18 9.45 -1.58
C LYS B 26 15.47 8.36 -0.73
N ILE B 27 15.60 7.10 -1.10
CA ILE B 27 14.91 6.01 -0.40
C ILE B 27 15.80 5.37 0.64
N VAL B 28 15.41 5.50 1.92
CA VAL B 28 16.16 4.91 3.03
C VAL B 28 15.28 3.90 3.76
N PHE B 29 15.72 2.64 3.75
CA PHE B 29 15.12 1.58 4.55
C PHE B 29 15.73 1.53 5.94
N ASP B 30 14.90 1.61 6.98
CA ASP B 30 15.34 1.49 8.38
C ASP B 30 14.47 0.48 9.11
N ALA B 31 14.81 -0.78 8.96
CA ALA B 31 13.97 -1.88 9.37
C ALA B 31 13.87 -2.07 10.89
N GLN B 32 14.90 -1.68 11.62
CA GLN B 32 14.93 -1.95 13.07
C GLN B 32 14.21 -0.81 13.81
N HIS B 33 14.00 0.34 13.16
CA HIS B 33 13.00 1.34 13.65
C HIS B 33 11.61 1.28 12.94
N GLY B 34 11.34 0.24 12.19
CA GLY B 34 10.10 0.10 11.40
C GLY B 34 9.81 1.20 10.38
N GLN B 35 10.81 1.68 9.67
CA GLN B 35 10.63 2.85 8.79
C GLN B 35 11.24 2.69 7.41
N ILE B 36 10.55 3.29 6.44
CA ILE B 36 11.05 3.48 5.09
C ILE B 36 10.76 4.94 4.73
N TRP B 37 11.71 5.61 4.07
CA TRP B 37 11.55 7.04 3.75
C TRP B 37 11.78 7.33 2.26
N PHE B 38 10.97 8.24 1.70
CA PHE B 38 11.26 8.89 0.43
C PHE B 38 11.33 10.39 0.73
N ASP B 39 12.55 10.96 0.70
CA ASP B 39 12.84 12.34 1.22
C ASP B 39 12.38 12.45 2.69
N GLU B 40 11.59 13.47 3.04
CA GLU B 40 10.98 13.63 4.36
C GLU B 40 9.73 12.72 4.52
N ASN B 41 9.21 12.20 3.41
CA ASN B 41 7.97 11.41 3.42
C ASN B 41 8.18 9.94 3.72
N ARG B 42 7.30 9.43 4.57
CA ARG B 42 7.33 8.07 5.04
C ARG B 42 6.56 7.12 4.13
N MET B 43 7.11 5.93 3.92
CA MET B 43 6.50 4.94 3.04
C MET B 43 6.38 3.52 3.63
N LEU B 44 5.54 2.71 2.98
CA LEU B 44 5.25 1.32 3.33
C LEU B 44 5.44 0.36 2.17
N LEU B 45 6.08 -0.76 2.43
CA LEU B 45 6.05 -1.86 1.50
C LEU B 45 4.82 -2.69 1.86
N MET B 46 3.86 -2.80 0.92
CA MET B 46 2.52 -3.38 1.18
C MET B 46 2.30 -4.57 0.33
N HIS B 47 1.37 -5.42 0.75
CA HIS B 47 0.87 -6.48 -0.12
C HIS B 47 -0.09 -5.95 -1.15
N THR B 48 -0.11 -6.57 -2.32
CA THR B 48 -1.14 -6.23 -3.33
C THR B 48 -2.54 -6.66 -2.86
N SER B 49 -2.60 -7.66 -1.97
CA SER B 49 -3.87 -8.10 -1.37
C SER B 49 -4.80 -7.01 -0.80
N ILE B 50 -4.24 -5.96 -0.22
CA ILE B 50 -5.08 -4.87 0.33
C ILE B 50 -5.94 -4.23 -0.74
N LEU B 51 -5.32 -3.93 -1.88
CA LEU B 51 -6.00 -3.36 -3.03
C LEU B 51 -6.94 -4.36 -3.67
N GLY B 52 -6.56 -5.64 -3.62
CA GLY B 52 -7.41 -6.72 -4.08
C GLY B 52 -8.70 -6.73 -3.33
N PHE B 53 -8.60 -6.76 -2.00
CA PHE B 53 -9.79 -6.73 -1.13
C PHE B 53 -10.62 -5.49 -1.29
N LEU B 54 -9.95 -4.35 -1.35
CA LEU B 54 -10.63 -3.10 -1.45
C LEU B 54 -11.50 -3.17 -2.68
N ARG B 55 -10.91 -3.69 -3.75
CA ARG B 55 -11.55 -3.74 -5.05
C ARG B 55 -12.76 -4.68 -5.02
N LYS B 56 -12.62 -5.84 -4.38
CA LYS B 56 -13.76 -6.76 -4.21
C LYS B 56 -14.84 -6.19 -3.30
N ASP B 57 -14.42 -5.72 -2.14
CA ASP B 57 -15.35 -5.15 -1.16
C ASP B 57 -16.18 -4.07 -1.83
N LEU B 58 -15.54 -3.13 -2.52
CA LEU B 58 -16.26 -2.05 -3.13
C LEU B 58 -17.05 -2.50 -4.32
N TYR B 59 -16.58 -3.48 -5.08
CA TYR B 59 -17.38 -3.94 -6.18
C TYR B 59 -18.77 -4.35 -5.69
N GLN B 60 -18.84 -5.18 -4.64
CA GLN B 60 -20.15 -5.62 -4.15
C GLN B 60 -20.91 -4.58 -3.30
N MET B 61 -20.22 -3.80 -2.49
CA MET B 61 -20.88 -2.74 -1.73
C MET B 61 -21.34 -1.59 -2.59
N LEU B 62 -20.57 -1.18 -3.62
CA LEU B 62 -20.81 0.09 -4.33
C LEU B 62 -21.05 -0.01 -5.82
N GLY B 63 -20.89 -1.18 -6.43
CA GLY B 63 -20.99 -1.30 -7.89
C GLY B 63 -19.67 -0.96 -8.62
N LEU B 64 -19.62 -1.24 -9.92
CA LEU B 64 -18.42 -1.01 -10.72
C LEU B 64 -18.06 0.48 -10.80
N GLU B 65 -18.98 1.31 -11.26
CA GLU B 65 -18.70 2.73 -11.55
C GLU B 65 -18.07 3.47 -10.38
N ARG B 66 -18.63 3.29 -9.20
CA ARG B 66 -18.12 3.92 -7.99
C ARG B 66 -16.79 3.32 -7.57
N THR B 67 -16.63 2.03 -7.76
CA THR B 67 -15.35 1.39 -7.44
C THR B 67 -14.23 1.87 -8.40
N LYS B 68 -14.54 2.03 -9.67
CA LYS B 68 -13.61 2.55 -10.66
C LYS B 68 -13.17 3.97 -10.29
N ARG B 69 -14.14 4.85 -10.00
CA ARG B 69 -13.81 6.24 -9.61
C ARG B 69 -12.97 6.33 -8.34
N PHE B 70 -13.33 5.56 -7.33
CA PHE B 70 -12.54 5.52 -6.12
C PHE B 70 -11.07 5.22 -6.42
N PHE B 71 -10.81 4.26 -7.31
CA PHE B 71 -9.44 3.86 -7.63
C PHE B 71 -8.69 4.91 -8.46
N ILE B 72 -9.38 5.61 -9.34
CA ILE B 72 -8.78 6.66 -10.14
C ILE B 72 -8.40 7.78 -9.19
N ARG B 73 -9.29 8.06 -8.25
CA ARG B 73 -9.09 9.07 -7.19
C ARG B 73 -7.89 8.79 -6.30
N CYS B 74 -7.73 7.56 -5.85
N CYS B 74 -7.74 7.56 -5.85
CA CYS B 74 -6.58 7.20 -5.03
CA CYS B 74 -6.59 7.14 -5.05
C CYS B 74 -5.27 7.25 -5.83
C CYS B 74 -5.28 7.27 -5.83
N GLY B 75 -5.31 6.88 -7.11
CA GLY B 75 -4.14 6.93 -7.97
C GLY B 75 -3.78 8.37 -8.24
N TYR B 76 -4.81 9.18 -8.46
CA TYR B 76 -4.64 10.62 -8.68
C TYR B 76 -3.90 11.32 -7.53
N GLN B 77 -4.33 11.05 -6.30
CA GLN B 77 -3.74 11.66 -5.12
C GLN B 77 -2.27 11.24 -4.95
N ALA B 78 -1.95 9.99 -5.25
CA ALA B 78 -0.57 9.51 -5.18
C ALA B 78 0.31 10.11 -6.23
N GLY B 79 -0.20 10.20 -7.45
CA GLY B 79 0.55 10.77 -8.58
C GLY B 79 0.85 12.22 -8.31
N MET B 80 -0.17 12.93 -7.88
CA MET B 80 -0.04 14.31 -7.44
C MET B 80 0.94 14.52 -6.28
N ARG B 81 1.07 13.55 -5.37
CA ARG B 81 2.07 13.62 -4.30
C ARG B 81 3.50 13.32 -4.77
N ASP B 82 3.69 12.35 -5.67
CA ASP B 82 5.03 12.15 -6.25
C ASP B 82 5.47 13.36 -7.05
N ALA B 83 4.57 13.94 -7.85
CA ALA B 83 4.85 15.19 -8.58
C ALA B 83 5.27 16.34 -7.63
N GLU B 84 4.60 16.47 -6.47
CA GLU B 84 5.04 17.44 -5.46
C GLU B 84 6.51 17.22 -5.07
N VAL B 85 6.85 15.99 -4.76
CA VAL B 85 8.14 15.66 -4.16
C VAL B 85 9.24 15.68 -5.18
N THR B 86 8.96 15.23 -6.40
CA THR B 86 9.96 15.22 -7.48
C THR B 86 10.06 16.54 -8.25
N SER B 87 9.25 17.54 -7.93
CA SER B 87 9.11 18.71 -8.79
C SER B 87 10.43 19.47 -9.00
N LYS B 88 11.07 19.87 -7.91
CA LYS B 88 12.24 20.75 -7.98
C LYS B 88 13.58 20.04 -8.29
N LEU B 89 13.55 18.80 -8.76
CA LEU B 89 14.71 17.89 -8.64
C LEU B 89 15.59 17.80 -9.90
N ARG B 90 15.08 18.22 -11.05
CA ARG B 90 15.84 18.15 -12.30
C ARG B 90 15.72 19.48 -13.05
N PRO B 91 16.47 20.50 -12.58
CA PRO B 91 16.52 21.82 -13.25
C PRO B 91 17.49 21.89 -14.47
N ASN B 92 18.60 21.14 -14.41
CA ASN B 92 19.60 21.13 -15.50
C ASN B 92 19.41 19.96 -16.49
N LEU B 93 18.14 19.55 -16.62
CA LEU B 93 17.66 18.61 -17.62
C LEU B 93 16.43 19.27 -18.23
N ASN B 94 16.02 18.80 -19.40
CA ASN B 94 14.86 19.41 -20.11
C ASN B 94 13.54 18.92 -19.52
N GLU B 95 12.46 19.61 -19.90
CA GLU B 95 11.13 19.30 -19.40
C GLU B 95 10.75 17.80 -19.40
N ALA B 96 11.09 17.10 -20.49
CA ALA B 96 10.78 15.67 -20.65
C ALA B 96 11.57 14.75 -19.74
N GLU B 97 12.88 14.96 -19.66
CA GLU B 97 13.73 14.16 -18.77
C GLU B 97 13.32 14.32 -17.30
N ALA B 98 12.83 15.50 -16.93
CA ALA B 98 12.27 15.72 -15.60
C ALA B 98 10.93 15.02 -15.42
N PHE B 99 10.05 15.18 -16.40
CA PHE B 99 8.72 14.59 -16.36
C PHE B 99 8.79 13.13 -16.13
N MET B 100 9.78 12.50 -16.77
CA MET B 100 10.03 11.07 -16.65
C MET B 100 10.16 10.52 -15.25
N ALA B 101 10.35 11.36 -14.24
CA ALA B 101 10.22 10.94 -12.83
C ALA B 101 8.94 10.16 -12.54
N GLY B 102 7.84 10.61 -13.10
CA GLY B 102 6.59 9.97 -12.85
C GLY B 102 6.57 8.51 -13.23
N PRO B 103 6.88 8.20 -14.49
CA PRO B 103 7.09 6.82 -15.00
C PRO B 103 8.15 6.01 -14.28
N GLN B 104 9.21 6.69 -13.90
CA GLN B 104 10.28 6.07 -13.17
C GLN B 104 9.85 5.69 -11.75
N MET B 105 9.10 6.57 -11.10
CA MET B 105 8.60 6.33 -9.76
C MET B 105 7.64 5.16 -9.74
N HIS B 106 6.75 5.12 -10.74
CA HIS B 106 5.84 4.00 -10.89
C HIS B 106 6.55 2.65 -10.92
N GLY B 107 7.68 2.58 -11.63
CA GLY B 107 8.50 1.36 -11.70
C GLY B 107 9.22 1.07 -10.39
N ILE B 108 9.79 2.12 -9.80
CA ILE B 108 10.47 2.03 -8.52
C ILE B 108 9.56 1.43 -7.47
N ARG B 109 8.30 1.85 -7.49
CA ARG B 109 7.34 1.42 -6.48
C ARG B 109 6.68 0.04 -6.75
N GLY B 110 7.08 -0.65 -7.82
CA GLY B 110 6.58 -1.99 -8.10
C GLY B 110 5.21 -2.03 -8.73
N MET B 111 4.84 -0.98 -9.46
CA MET B 111 3.49 -0.86 -9.97
C MET B 111 3.36 -1.24 -11.40
N VAL B 112 4.16 -0.61 -12.24
CA VAL B 112 4.14 -0.89 -13.65
C VAL B 112 5.50 -0.49 -14.23
N GLN B 113 5.84 -1.06 -15.39
CA GLN B 113 6.98 -0.65 -16.18
C GLN B 113 6.50 0.19 -17.37
N VAL B 114 7.14 1.34 -17.56
CA VAL B 114 6.75 2.29 -18.60
C VAL B 114 7.83 2.28 -19.68
N GLU B 115 7.42 1.87 -20.89
CA GLU B 115 8.22 1.91 -22.10
C GLU B 115 7.58 3.02 -22.92
N VAL B 116 8.37 4.02 -23.26
CA VAL B 116 7.87 5.17 -24.03
C VAL B 116 7.76 4.86 -25.52
N ASN B 117 6.59 5.05 -26.13
CA ASN B 117 6.46 5.04 -27.60
C ASN B 117 6.60 6.45 -28.18
N GLU B 118 5.98 7.41 -27.51
CA GLU B 118 6.07 8.82 -27.84
C GLU B 118 6.02 9.65 -26.56
N LEU B 119 6.77 10.76 -26.56
CA LEU B 119 6.62 11.80 -25.55
C LEU B 119 7.17 13.17 -26.00
N HIS B 120 6.28 14.16 -26.09
CA HIS B 120 6.66 15.59 -26.21
CA HIS B 120 6.71 15.56 -26.13
C HIS B 120 5.82 16.44 -25.27
N LEU B 121 6.44 17.42 -24.63
CA LEU B 121 5.74 18.38 -23.79
C LEU B 121 6.43 19.75 -23.70
N SER B 122 5.61 20.80 -23.77
CA SER B 122 6.01 22.18 -23.48
C SER B 122 5.02 22.78 -22.46
N HIS B 123 5.53 23.13 -21.29
CA HIS B 123 4.75 23.86 -20.28
C HIS B 123 4.29 25.13 -20.97
N ASP B 124 5.24 25.99 -21.34
CA ASP B 124 4.93 27.23 -22.03
C ASP B 124 3.90 27.14 -23.14
N LEU B 125 4.14 26.30 -24.14
CA LEU B 125 3.16 26.18 -25.23
C LEU B 125 1.92 25.37 -24.85
N LYS B 126 1.90 24.84 -23.63
CA LYS B 126 0.75 24.13 -23.09
C LYS B 126 0.48 22.88 -23.94
N GLN B 127 1.55 22.15 -24.27
CA GLN B 127 1.48 21.02 -25.22
C GLN B 127 1.90 19.75 -24.52
N PHE B 128 1.24 18.64 -24.81
CA PHE B 128 1.55 17.37 -24.17
C PHE B 128 1.00 16.24 -25.04
N TYR B 129 1.86 15.32 -25.46
CA TYR B 129 1.41 14.03 -25.98
C TYR B 129 2.34 12.93 -25.41
N ALA B 130 1.73 11.89 -24.85
CA ALA B 130 2.40 10.75 -24.31
C ALA B 130 1.69 9.48 -24.84
N ASP B 131 2.47 8.53 -25.35
CA ASP B 131 1.99 7.21 -25.72
C ASP B 131 2.92 6.21 -25.06
N PHE B 132 2.45 5.50 -24.03
CA PHE B 132 3.30 4.57 -23.26
C PHE B 132 2.76 3.16 -23.30
N ASN B 133 3.66 2.20 -23.27
CA ASN B 133 3.30 0.84 -22.95
C ASN B 133 3.44 0.67 -21.45
N TRP B 134 2.52 -0.11 -20.89
CA TRP B 134 2.60 -0.48 -19.49
C TRP B 134 2.85 -1.97 -19.47
N LEU B 135 3.97 -2.39 -18.88
CA LEU B 135 4.31 -3.80 -18.78
C LEU B 135 4.34 -4.22 -17.30
N ASN B 136 3.87 -5.44 -17.01
CA ASN B 136 3.80 -6.00 -15.66
C ASN B 136 2.89 -5.25 -14.67
N SER B 137 1.85 -4.58 -15.17
CA SER B 137 0.93 -3.84 -14.32
C SER B 137 0.44 -4.73 -13.21
N PHE B 138 0.79 -4.39 -11.99
CA PHE B 138 0.23 -5.05 -10.83
C PHE B 138 -1.30 -4.97 -10.80
N GLU B 139 -1.87 -3.90 -11.31
CA GLU B 139 -3.31 -3.72 -11.26
C GLU B 139 -4.07 -4.69 -12.17
N ALA B 140 -3.55 -4.90 -13.38
CA ALA B 140 -4.07 -5.90 -14.33
C ALA B 140 -4.11 -7.28 -13.70
N GLU B 141 -3.02 -7.63 -13.03
CA GLU B 141 -2.86 -8.92 -12.36
C GLU B 141 -3.91 -9.05 -11.24
N VAL B 142 -4.09 -7.98 -10.46
CA VAL B 142 -5.06 -7.99 -9.38
C VAL B 142 -6.50 -8.03 -9.90
N HIS B 143 -6.77 -7.45 -11.06
CA HIS B 143 -8.14 -7.50 -11.59
C HIS B 143 -8.48 -8.94 -11.98
N LEU B 144 -7.59 -9.60 -12.74
CA LEU B 144 -7.80 -10.96 -13.25
C LEU B 144 -7.98 -11.96 -12.11
N SER B 145 -7.05 -11.92 -11.16
CA SER B 145 -7.14 -12.75 -9.96
C SER B 145 -8.41 -12.54 -9.04
N GLU B 146 -9.20 -11.48 -9.23
CA GLU B 146 -10.44 -11.24 -8.44
C GLU B 146 -11.74 -11.22 -9.24
N PHE B 147 -11.69 -10.74 -10.49
CA PHE B 147 -12.87 -10.70 -11.38
C PHE B 147 -12.71 -11.45 -12.69
N GLY B 148 -11.49 -11.94 -12.96
CA GLY B 148 -11.14 -12.51 -14.27
C GLY B 148 -11.21 -11.52 -15.40
N ALA B 149 -11.34 -12.03 -16.61
CA ALA B 149 -11.20 -11.21 -17.80
C ALA B 149 -12.14 -10.05 -17.73
N SER B 150 -11.65 -8.88 -18.14
CA SER B 150 -12.47 -7.70 -18.20
C SER B 150 -12.94 -7.59 -19.61
N ASP B 151 -13.91 -6.70 -19.82
CA ASP B 151 -14.38 -6.33 -21.12
C ASP B 151 -13.84 -4.96 -21.49
N GLN B 152 -13.10 -4.34 -20.56
CA GLN B 152 -12.61 -2.97 -20.72
C GLN B 152 -11.27 -2.84 -19.97
N PRO B 153 -10.49 -1.80 -20.28
CA PRO B 153 -9.27 -1.52 -19.52
C PRO B 153 -9.59 -1.29 -18.05
N ALA B 154 -8.73 -1.84 -17.21
CA ALA B 154 -8.97 -2.00 -15.79
C ALA B 154 -7.91 -1.34 -14.92
N CYS B 155 -6.87 -0.72 -15.49
CA CYS B 155 -5.78 -0.21 -14.67
C CYS B 155 -6.11 1.21 -14.19
N TRP B 156 -7.14 1.25 -13.34
CA TRP B 156 -7.76 2.48 -12.80
C TRP B 156 -6.86 3.31 -11.92
N MET B 157 -6.23 2.68 -10.95
CA MET B 157 -5.27 3.35 -10.08
C MET B 157 -4.08 3.89 -10.86
N LEU B 158 -3.48 3.05 -11.69
CA LEU B 158 -2.32 3.43 -12.49
C LEU B 158 -2.65 4.60 -13.37
N LEU B 159 -3.87 4.56 -13.96
CA LEU B 159 -4.37 5.64 -14.81
C LEU B 159 -4.63 6.96 -14.07
N GLY B 160 -5.18 6.87 -12.85
CA GLY B 160 -5.34 8.00 -11.96
C GLY B 160 -4.00 8.65 -11.66
N TYR B 161 -3.02 7.85 -11.32
CA TYR B 161 -1.66 8.35 -11.04
C TYR B 161 -1.11 9.13 -12.22
N ALA B 162 -1.24 8.56 -13.41
CA ALA B 162 -0.71 9.18 -14.62
C ALA B 162 -1.31 10.56 -14.79
N CYS B 163 -2.61 10.62 -14.57
CA CYS B 163 -3.37 11.84 -14.66
C CYS B 163 -3.03 12.85 -13.55
N GLY B 164 -2.96 12.40 -12.31
CA GLY B 164 -2.54 13.26 -11.22
C GLY B 164 -1.14 13.83 -11.38
N TYR B 165 -0.18 13.00 -11.71
CA TYR B 165 1.19 13.46 -11.85
C TYR B 165 1.34 14.42 -13.02
N SER B 166 0.90 13.99 -14.19
CA SER B 166 1.01 14.80 -15.42
C SER B 166 0.24 16.10 -15.32
N SER B 167 -0.94 16.08 -14.70
CA SER B 167 -1.73 17.31 -14.59
C SER B 167 -1.06 18.31 -13.67
N PHE B 168 -0.42 17.82 -12.61
CA PHE B 168 0.37 18.69 -11.74
C PHE B 168 1.53 19.40 -12.46
N VAL B 169 2.30 18.61 -13.20
CA VAL B 169 3.53 19.09 -13.80
C VAL B 169 3.19 20.10 -14.88
N MET B 170 2.19 19.77 -15.69
CA MET B 170 1.81 20.64 -16.77
C MET B 170 0.91 21.80 -16.34
N GLY B 171 0.63 21.91 -15.03
CA GLY B 171 -0.31 22.90 -14.52
C GLY B 171 -1.60 22.96 -15.32
N GLN B 172 -2.08 21.83 -15.82
CA GLN B 172 -3.39 21.81 -16.49
C GLN B 172 -3.85 20.38 -16.69
N THR B 173 -5.12 20.22 -17.03
CA THR B 173 -5.77 18.92 -17.00
C THR B 173 -5.27 18.04 -18.14
N ILE B 174 -4.51 17.02 -17.77
CA ILE B 174 -4.06 15.97 -18.68
C ILE B 174 -4.79 14.66 -18.35
N ILE B 175 -5.52 14.16 -19.34
CA ILE B 175 -6.33 12.98 -19.26
C ILE B 175 -5.68 11.92 -20.15
N TYR B 176 -5.84 10.65 -19.74
CA TYR B 176 -5.19 9.50 -20.37
C TYR B 176 -6.25 8.50 -20.73
N GLN B 177 -6.04 7.79 -21.83
CA GLN B 177 -6.92 6.72 -22.22
C GLN B 177 -6.08 5.44 -22.28
N GLU B 178 -6.49 4.41 -21.54
CA GLU B 178 -5.92 3.09 -21.68
C GLU B 178 -6.49 2.41 -22.90
N THR B 179 -5.66 2.26 -23.91
CA THR B 179 -6.13 1.80 -25.21
C THR B 179 -6.10 0.30 -25.29
N HIS B 180 -5.23 -0.35 -24.52
CA HIS B 180 -5.09 -1.81 -24.53
C HIS B 180 -4.78 -2.17 -23.10
N CYS B 181 -5.14 -3.38 -22.72
CA CYS B 181 -4.98 -3.77 -21.35
C CYS B 181 -4.83 -5.24 -21.24
N VAL B 182 -3.81 -5.66 -20.53
CA VAL B 182 -3.65 -7.04 -20.17
C VAL B 182 -4.93 -7.62 -19.56
N ALA B 183 -5.69 -6.83 -18.80
CA ALA B 183 -6.95 -7.34 -18.22
C ALA B 183 -8.00 -7.77 -19.27
N GLN B 184 -7.94 -7.20 -20.48
CA GLN B 184 -8.80 -7.61 -21.62
C GLN B 184 -8.21 -8.73 -22.49
N GLY B 185 -7.06 -9.28 -22.14
CA GLY B 185 -6.40 -10.26 -23.02
C GLY B 185 -5.36 -9.73 -24.03
N ASP B 186 -5.21 -8.39 -24.16
CA ASP B 186 -4.10 -7.82 -24.96
C ASP B 186 -2.79 -8.26 -24.25
N GLU B 187 -1.67 -8.18 -24.94
CA GLU B 187 -0.42 -8.78 -24.41
C GLU B 187 0.28 -7.81 -23.44
N HIS B 188 0.16 -6.52 -23.68
CA HIS B 188 0.57 -5.48 -22.71
C HIS B 188 -0.51 -4.41 -22.68
N CYS B 189 -0.47 -3.59 -21.63
CA CYS B 189 -1.40 -2.47 -21.48
C CYS B 189 -0.81 -1.27 -22.24
N ARG B 190 -1.64 -0.36 -22.74
CA ARG B 190 -1.14 0.85 -23.41
C ARG B 190 -2.01 2.06 -23.09
N ILE B 191 -1.37 3.24 -23.02
CA ILE B 191 -2.05 4.50 -22.72
C ILE B 191 -1.64 5.65 -23.64
N ILE B 192 -2.59 6.53 -23.95
CA ILE B 192 -2.32 7.82 -24.57
C ILE B 192 -2.75 8.93 -23.62
N GLY B 193 -1.86 9.88 -23.34
CA GLY B 193 -2.19 11.12 -22.61
C GLY B 193 -2.06 12.40 -23.41
N LYS B 194 -3.13 13.20 -23.43
CA LYS B 194 -3.18 14.52 -24.07
C LYS B 194 -3.94 15.48 -23.13
N PRO B 195 -3.84 16.81 -23.38
CA PRO B 195 -4.70 17.74 -22.64
C PRO B 195 -6.17 17.59 -22.96
N LEU B 196 -7.03 17.88 -21.99
CA LEU B 196 -8.49 17.93 -22.16
C LEU B 196 -8.94 18.34 -23.57
N SER B 197 -8.49 19.53 -24.01
CA SER B 197 -8.84 20.13 -25.32
C SER B 197 -8.67 19.16 -26.47
N GLU B 198 -7.49 18.58 -26.55
CA GLU B 198 -7.13 17.74 -27.67
C GLU B 198 -7.95 16.45 -27.77
N TRP B 199 -8.77 16.12 -26.78
CA TRP B 199 -9.63 14.94 -26.91
C TRP B 199 -10.85 15.30 -27.75
N GLU B 200 -11.48 14.29 -28.35
CA GLU B 200 -12.82 14.50 -28.91
C GLU B 200 -13.90 14.41 -27.80
N ASN B 201 -13.96 15.45 -26.94
CA ASN B 201 -14.95 15.61 -25.84
C ASN B 201 -15.36 14.31 -25.17
N ARG B 207 -8.11 24.10 -4.39
CA ARG B 207 -7.59 23.09 -5.29
C ARG B 207 -8.41 21.79 -5.34
N PHE B 208 -8.76 21.27 -4.18
CA PHE B 208 -9.52 20.04 -4.04
C PHE B 208 -10.74 19.77 -4.91
N MET B 209 -11.55 20.77 -5.19
CA MET B 209 -12.75 20.55 -5.99
C MET B 209 -12.43 20.31 -7.43
N SER B 210 -11.28 20.78 -7.84
CA SER B 210 -10.76 20.59 -9.20
C SER B 210 -10.27 19.13 -9.46
N PRO B 211 -9.56 18.50 -8.49
CA PRO B 211 -9.30 17.05 -8.53
C PRO B 211 -10.49 16.15 -8.69
N ASP B 212 -11.59 16.44 -8.00
CA ASP B 212 -12.83 15.66 -8.16
C ASP B 212 -13.31 15.73 -9.62
N ALA B 213 -13.38 16.95 -10.17
CA ALA B 213 -13.68 17.18 -11.59
C ALA B 213 -12.73 16.46 -12.55
N VAL B 214 -11.42 16.60 -12.34
CA VAL B 214 -10.43 15.89 -13.17
C VAL B 214 -10.63 14.35 -13.11
N SER B 215 -10.84 13.81 -11.91
CA SER B 215 -11.07 12.37 -11.72
C SER B 215 -12.33 11.90 -12.49
N ASP B 216 -13.37 12.72 -12.48
CA ASP B 216 -14.62 12.44 -13.22
C ASP B 216 -14.44 12.50 -14.74
N GLU B 217 -13.66 13.46 -15.24
CA GLU B 217 -13.25 13.44 -16.65
C GLU B 217 -12.61 12.09 -16.98
N ILE B 218 -11.54 11.72 -16.25
CA ILE B 218 -10.76 10.53 -16.61
C ILE B 218 -11.49 9.19 -16.33
N ILE B 219 -12.71 9.25 -15.78
CA ILE B 219 -13.57 8.08 -15.61
C ILE B 219 -14.58 7.91 -16.74
N ALA B 220 -14.96 8.98 -17.42
CA ALA B 220 -15.86 8.89 -18.61
C ALA B 220 -15.01 8.70 -19.87
N LEU B 221 -14.43 7.51 -19.99
CA LEU B 221 -13.66 7.09 -21.18
C LEU B 221 -13.74 5.57 -21.30
#